data_8ORO
#
_entry.id   8ORO
#
_cell.length_a   120.110
_cell.length_b   120.110
_cell.length_c   44.820
_cell.angle_alpha   90.000
_cell.angle_beta   90.000
_cell.angle_gamma   90.000
#
_symmetry.space_group_name_H-M   'P 41'
#
loop_
_entity.id
_entity.type
_entity.pdbx_description
1 polymer '1H-3-hydroxy-4-oxoquinaldine 2,4-dioxygenase'
2 non-polymer 2-methyl-quinolin-4(1H)-one
3 non-polymer 'OXYGEN MOLECULE'
4 non-polymer 'D(-)-TARTARIC ACID'
5 non-polymer GLYCEROL
6 non-polymer 'SODIUM ION'
7 water water
#
_entity_poly.entity_id   1
_entity_poly.type   'polypeptide(L)'
_entity_poly.pdbx_seq_one_letter_code
;MRGSHHHHHHGSMTDTYLHETLVFDNKLSYIDNQRDTDGPAILLLPGWCHDHRVYKYLIQELDADFRVIVPNWRGHGLSP
SEVPDFGYQEQVKDALEILDQLGVETFLPVSHAHGGWVLVELLEQAGPERAPRGIIMDWLMWAPKPDFAKSLTLLKDPER
WREGTHGLFDVWLDGHDEKRVRHHLLEEMADYGYDCWGRSGRVIEDAYGRNGSPMQMMANLTKTRPIRHIFSQPTEPEYE
KINSDFAEQHPWFSYAKLGGPTHFPAIDVPDRAAVHIREFATAIRQGQ
;
_entity_poly.pdbx_strand_id   AAA,BBB
#
# COMPACT_ATOMS: atom_id res chain seq x y z
N ASP A 15 17.65 23.89 12.91
N ASP A 15 19.01 22.76 10.64
CA ASP A 15 18.34 22.74 12.24
CA ASP A 15 18.61 22.98 12.06
C ASP A 15 19.61 22.33 13.03
C ASP A 15 19.68 22.38 12.99
N THR A 16 19.84 22.94 14.19
CA THR A 16 20.84 22.52 15.21
C THR A 16 20.60 21.06 15.62
N TYR A 17 19.33 20.66 15.68
CA TYR A 17 18.85 19.40 16.34
C TYR A 17 18.67 18.28 15.31
N LEU A 18 19.01 18.51 14.05
CA LEU A 18 18.74 17.53 12.97
C LEU A 18 19.86 16.47 12.97
N HIS A 19 19.47 15.20 13.02
CA HIS A 19 20.38 14.02 13.04
C HIS A 19 19.98 13.04 11.94
N GLU A 20 20.88 12.10 11.64
CA GLU A 20 20.60 10.91 10.78
C GLU A 20 21.03 9.65 11.53
N THR A 21 20.35 8.54 11.28
CA THR A 21 20.70 7.20 11.83
C THR A 21 20.13 6.12 10.92
N LEU A 22 20.78 4.94 10.91
CA LEU A 22 20.31 3.73 10.19
C LEU A 22 19.17 3.11 11.00
N VAL A 23 18.00 2.94 10.38
CA VAL A 23 16.78 2.35 11.00
C VAL A 23 16.39 1.14 10.14
N PHE A 24 16.73 -0.06 10.61
CA PHE A 24 16.68 -1.32 9.85
C PHE A 24 17.51 -1.16 8.57
N ASP A 25 16.87 -0.89 7.43
CA ASP A 25 17.51 -0.82 6.09
C ASP A 25 17.60 0.63 5.59
N ASN A 26 16.93 1.57 6.27
CA ASN A 26 16.72 2.96 5.77
C ASN A 26 17.46 3.94 6.67
N LYS A 27 18.17 4.89 6.07
CA LYS A 27 18.79 6.03 6.80
C LYS A 27 17.71 7.11 6.95
N LEU A 28 17.22 7.31 8.18
CA LEU A 28 16.15 8.28 8.49
C LEU A 28 16.77 9.47 9.24
N SER A 29 16.32 10.68 8.91
CA SER A 29 16.62 11.93 9.64
C SER A 29 15.61 12.05 10.78
N TYR A 30 15.99 12.74 11.85
CA TYR A 30 15.13 12.97 13.04
C TYR A 30 15.68 14.17 13.82
N ILE A 31 14.78 14.97 14.38
CA ILE A 31 15.09 16.04 15.38
C ILE A 31 15.24 15.36 16.75
N ASP A 32 16.25 15.77 17.51
CA ASP A 32 16.44 15.40 18.94
C ASP A 32 17.24 16.51 19.60
N ASN A 33 16.62 17.24 20.55
CA ASN A 33 17.23 18.43 21.21
C ASN A 33 18.13 17.96 22.36
N GLN A 34 18.14 16.65 22.64
CA GLN A 34 19.01 15.98 23.64
C GLN A 34 18.90 16.73 24.97
N ARG A 35 17.69 17.17 25.33
CA ARG A 35 17.44 17.92 26.59
C ARG A 35 17.54 16.93 27.76
N ASP A 36 18.45 17.18 28.69
CA ASP A 36 18.59 16.38 29.93
C ASP A 36 17.56 16.90 30.93
N THR A 37 16.40 16.24 31.03
CA THR A 37 15.29 16.62 31.95
C THR A 37 14.44 15.39 32.27
N ASP A 38 13.51 15.55 33.22
CA ASP A 38 12.52 14.52 33.64
C ASP A 38 11.64 14.16 32.44
N GLY A 39 11.16 12.91 32.41
CA GLY A 39 10.26 12.39 31.37
C GLY A 39 8.85 12.95 31.54
N PRO A 40 7.92 12.68 30.60
CA PRO A 40 8.23 11.91 29.40
C PRO A 40 8.88 12.78 28.31
N ALA A 41 9.59 12.15 27.37
CA ALA A 41 10.02 12.76 26.10
C ALA A 41 8.77 13.05 25.27
N ILE A 42 8.76 14.17 24.54
CA ILE A 42 7.65 14.52 23.61
C ILE A 42 8.06 14.04 22.22
N LEU A 43 7.28 13.13 21.65
CA LEU A 43 7.50 12.55 20.29
C LEU A 43 6.48 13.20 19.35
N LEU A 44 6.94 14.18 18.55
CA LEU A 44 6.12 14.88 17.54
C LEU A 44 6.17 14.05 16.25
N LEU A 45 5.01 13.55 15.81
CA LEU A 45 4.89 12.63 14.64
C LEU A 45 4.37 13.39 13.43
N PRO A 46 5.23 13.62 12.40
CA PRO A 46 4.78 14.14 11.12
C PRO A 46 3.76 13.19 10.48
N GLY A 47 2.91 13.72 9.61
CA GLY A 47 2.04 12.92 8.75
C GLY A 47 2.74 12.59 7.45
N TRP A 48 1.99 12.59 6.35
CA TRP A 48 2.49 12.12 5.05
C TRP A 48 2.99 13.28 4.20
N CYS A 49 4.18 13.10 3.62
CA CYS A 49 4.75 13.98 2.56
C CYS A 49 5.05 15.37 3.13
N HIS A 50 5.35 15.43 4.43
CA HIS A 50 6.10 16.54 5.07
C HIS A 50 6.99 15.94 6.16
N ASP A 51 7.76 16.79 6.84
CA ASP A 51 8.81 16.40 7.80
C ASP A 51 8.79 17.34 9.01
N HIS A 52 9.78 17.17 9.89
CA HIS A 52 10.01 17.93 11.15
C HIS A 52 9.79 19.44 10.97
N ARG A 53 10.02 20.00 9.77
CA ARG A 53 9.85 21.46 9.52
C ARG A 53 8.45 21.92 9.96
N VAL A 54 7.42 21.07 9.82
CA VAL A 54 6.03 21.40 10.28
C VAL A 54 6.05 21.78 11.77
N TYR A 55 7.00 21.27 12.54
CA TYR A 55 7.04 21.37 14.02
C TYR A 55 8.07 22.40 14.51
N LYS A 56 8.67 23.17 13.62
CA LYS A 56 9.80 24.06 13.99
C LYS A 56 9.33 25.05 15.08
N TYR A 57 8.10 25.56 15.02
CA TYR A 57 7.56 26.56 16.00
C TYR A 57 7.12 25.85 17.28
N LEU A 58 6.54 24.66 17.16
CA LEU A 58 6.11 23.87 18.33
C LEU A 58 7.36 23.41 19.09
N ILE A 59 8.44 23.07 18.39
CA ILE A 59 9.73 22.68 19.05
C ILE A 59 10.24 23.88 19.86
N GLN A 60 10.13 25.11 19.33
CA GLN A 60 10.50 26.36 20.05
C GLN A 60 9.70 26.47 21.35
N GLU A 61 8.41 26.12 21.33
CA GLU A 61 7.52 26.19 22.53
C GLU A 61 8.02 25.20 23.60
N LEU A 62 8.50 24.03 23.18
CA LEU A 62 8.76 22.89 24.10
C LEU A 62 10.26 22.75 24.40
N ASP A 63 11.14 23.40 23.63
CA ASP A 63 12.60 23.14 23.62
C ASP A 63 13.16 23.11 25.05
N ALA A 64 12.94 24.19 25.82
CA ALA A 64 13.56 24.46 27.13
C ALA A 64 13.16 23.42 28.20
N ASP A 65 11.92 22.93 28.17
CA ASP A 65 11.27 22.24 29.32
C ASP A 65 11.24 20.73 29.12
N PHE A 66 11.49 20.23 27.90
CA PHE A 66 11.25 18.81 27.52
C PHE A 66 12.32 18.35 26.53
N ARG A 67 12.56 17.04 26.49
CA ARG A 67 13.28 16.36 25.37
C ARG A 67 12.28 16.16 24.23
N VAL A 68 12.62 16.63 23.03
CA VAL A 68 11.69 16.66 21.86
C VAL A 68 12.32 15.86 20.73
N ILE A 69 11.61 14.83 20.27
CA ILE A 69 12.03 13.85 19.22
C ILE A 69 11.04 13.96 18.06
N VAL A 70 11.53 14.15 16.83
CA VAL A 70 10.70 14.22 15.60
C VAL A 70 11.32 13.28 14.57
N PRO A 71 10.81 12.03 14.45
CA PRO A 71 11.30 11.12 13.42
C PRO A 71 10.73 11.54 12.06
N ASN A 72 11.53 11.40 11.00
CA ASN A 72 11.07 11.55 9.60
C ASN A 72 10.92 10.17 8.97
N TRP A 73 9.86 9.97 8.20
CA TRP A 73 9.50 8.65 7.62
C TRP A 73 10.48 8.32 6.50
N ARG A 74 10.44 7.07 6.04
CA ARG A 74 11.27 6.59 4.91
C ARG A 74 10.93 7.44 3.68
N GLY A 75 11.96 8.00 3.04
CA GLY A 75 11.84 8.87 1.85
C GLY A 75 11.41 10.29 2.20
N HIS A 76 11.31 10.61 3.50
CA HIS A 76 10.92 11.94 4.04
C HIS A 76 12.15 12.65 4.61
N GLY A 77 12.13 13.99 4.63
CA GLY A 77 13.23 14.82 5.14
C GLY A 77 13.59 15.92 4.18
N LEU A 78 14.73 16.59 4.41
CA LEU A 78 15.17 17.77 3.63
C LEU A 78 15.50 17.35 2.20
N SER A 79 15.83 16.07 1.99
CA SER A 79 16.06 15.44 0.66
C SER A 79 15.13 14.25 0.48
N PRO A 80 13.86 14.48 0.03
CA PRO A 80 12.93 13.38 -0.24
C PRO A 80 13.47 12.43 -1.32
N SER A 81 13.19 11.13 -1.19
CA SER A 81 13.70 10.09 -2.11
C SER A 81 12.64 9.01 -2.32
N GLU A 82 12.75 8.29 -3.45
CA GLU A 82 11.95 7.10 -3.78
C GLU A 82 12.38 5.95 -2.86
N VAL A 83 11.42 5.32 -2.19
CA VAL A 83 11.65 4.16 -1.27
C VAL A 83 10.60 3.11 -1.57
N PRO A 84 10.84 1.82 -1.23
CA PRO A 84 9.82 0.78 -1.32
C PRO A 84 8.54 1.14 -0.55
N ASP A 85 7.38 0.65 -1.02
CA ASP A 85 6.04 0.87 -0.40
C ASP A 85 6.07 0.42 1.05
N PHE A 86 5.64 1.30 1.96
CA PHE A 86 5.47 1.02 3.42
C PHE A 86 4.16 1.67 3.89
N GLY A 87 3.72 1.29 5.11
CA GLY A 87 2.45 1.73 5.71
C GLY A 87 2.67 2.28 7.10
N TYR A 88 1.60 2.41 7.90
CA TYR A 88 1.66 3.05 9.25
C TYR A 88 2.31 2.07 10.25
N GLN A 89 2.21 0.75 9.99
CA GLN A 89 2.90 -0.30 10.79
C GLN A 89 4.41 -0.07 10.73
N GLU A 90 4.94 0.20 9.54
CA GLU A 90 6.38 0.46 9.31
C GLU A 90 6.78 1.75 10.02
N GLN A 91 5.92 2.78 9.96
CA GLN A 91 6.20 4.09 10.63
C GLN A 91 6.35 3.84 12.14
N VAL A 92 5.48 2.98 12.70
CA VAL A 92 5.49 2.65 14.16
C VAL A 92 6.82 1.98 14.52
N LYS A 93 7.25 0.95 13.78
CA LYS A 93 8.51 0.20 14.04
C LYS A 93 9.70 1.17 13.92
N ASP A 94 9.66 2.04 12.92
CA ASP A 94 10.71 3.07 12.67
C ASP A 94 10.82 3.97 13.90
N ALA A 95 9.69 4.52 14.36
CA ALA A 95 9.62 5.45 15.52
C ALA A 95 10.17 4.76 16.77
N LEU A 96 9.77 3.53 17.05
CA LEU A 96 10.22 2.76 18.23
C LEU A 96 11.72 2.48 18.12
N GLU A 97 12.20 2.08 16.94
CA GLU A 97 13.64 1.77 16.70
C GLU A 97 14.49 3.00 17.01
N ILE A 98 14.03 4.20 16.62
CA ILE A 98 14.71 5.49 16.95
C ILE A 98 14.69 5.69 18.47
N LEU A 99 13.56 5.44 19.13
CA LEU A 99 13.41 5.61 20.60
C LEU A 99 14.31 4.61 21.33
N ASP A 100 14.43 3.38 20.81
CA ASP A 100 15.32 2.32 21.35
C ASP A 100 16.79 2.73 21.21
N GLN A 101 17.16 3.30 20.06
CA GLN A 101 18.55 3.76 19.77
C GLN A 101 18.91 4.92 20.70
N LEU A 102 17.94 5.80 20.99
CA LEU A 102 18.13 7.02 21.81
C LEU A 102 18.01 6.69 23.31
N GLY A 103 17.58 5.47 23.64
CA GLY A 103 17.39 5.01 25.03
C GLY A 103 16.29 5.76 25.75
N VAL A 104 15.29 6.25 25.00
CA VAL A 104 14.05 6.91 25.52
C VAL A 104 13.08 5.82 25.94
N GLU A 105 12.52 5.90 27.15
CA GLU A 105 11.67 4.85 27.76
C GLU A 105 10.20 5.30 27.71
N THR A 106 9.82 6.28 28.54
CA THR A 106 8.46 6.89 28.59
C THR A 106 8.40 8.06 27.59
N PHE A 107 7.31 8.16 26.82
CA PHE A 107 7.11 9.25 25.84
C PHE A 107 5.63 9.60 25.71
N LEU A 108 5.39 10.86 25.33
CA LEU A 108 4.05 11.42 25.01
C LEU A 108 4.04 11.65 23.50
N PRO A 109 3.38 10.79 22.69
CA PRO A 109 3.33 10.97 21.24
C PRO A 109 2.31 12.06 20.89
N VAL A 110 2.65 12.92 19.93
CA VAL A 110 1.78 14.01 19.42
C VAL A 110 1.85 13.95 17.89
N SER A 111 0.72 13.72 17.23
CA SER A 111 0.60 13.48 15.76
C SER A 111 -0.11 14.67 15.10
N HIS A 112 0.17 14.87 13.82
CA HIS A 112 -0.59 15.79 12.94
C HIS A 112 -1.25 14.97 11.84
N ALA A 113 -2.55 15.18 11.68
CA ALA A 113 -3.40 14.55 10.66
C ALA A 113 -3.11 13.04 10.64
N HIS A 114 -2.63 12.48 9.54
CA HIS A 114 -2.58 11.01 9.34
C HIS A 114 -1.30 10.42 9.96
N GLY A 115 -0.48 11.25 10.61
CA GLY A 115 0.42 10.84 11.70
C GLY A 115 -0.33 10.07 12.78
N GLY A 116 -1.63 10.37 12.97
CA GLY A 116 -2.53 9.73 13.95
C GLY A 116 -2.60 8.22 13.81
N TRP A 117 -2.63 7.68 12.59
CA TRP A 117 -2.61 6.21 12.37
C TRP A 117 -1.39 5.61 13.07
N VAL A 118 -0.25 6.29 12.97
CA VAL A 118 1.04 5.91 13.60
C VAL A 118 0.90 6.02 15.12
N LEU A 119 0.33 7.13 15.61
CA LEU A 119 0.22 7.42 17.07
C LEU A 119 -0.64 6.33 17.74
N VAL A 120 -1.80 6.00 17.18
CA VAL A 120 -2.75 5.03 17.80
C VAL A 120 -2.12 3.64 17.83
N GLU A 121 -1.46 3.24 16.74
CA GLU A 121 -0.80 1.90 16.62
C GLU A 121 0.39 1.86 17.57
N LEU A 122 1.06 3.00 17.75
CA LEU A 122 2.21 3.19 18.66
C LEU A 122 1.73 3.05 20.11
N LEU A 123 0.55 3.58 20.45
CA LEU A 123 -0.08 3.36 21.77
C LEU A 123 -0.31 1.86 21.99
N GLU A 124 -0.84 1.16 20.99
CA GLU A 124 -1.15 -0.30 21.04
C GLU A 124 0.15 -1.06 21.30
N GLN A 125 1.20 -0.77 20.53
CA GLN A 125 2.45 -1.56 20.49
C GLN A 125 3.36 -1.20 21.68
N ALA A 126 3.43 0.07 22.09
CA ALA A 126 4.27 0.53 23.22
C ALA A 126 3.59 0.21 24.56
N GLY A 127 2.26 0.15 24.58
CA GLY A 127 1.47 -0.09 25.80
C GLY A 127 1.35 1.16 26.66
N PRO A 128 0.56 1.10 27.77
CA PRO A 128 0.21 2.28 28.56
C PRO A 128 1.25 2.73 29.62
N GLU A 129 2.30 1.94 29.84
CA GLU A 129 3.43 2.30 30.76
C GLU A 129 4.42 3.19 30.00
N ARG A 130 4.71 2.79 28.76
CA ARG A 130 5.68 3.47 27.86
CA ARG A 130 5.68 3.47 27.85
C ARG A 130 5.03 4.71 27.22
N ALA A 131 3.75 4.60 26.83
CA ALA A 131 2.96 5.67 26.18
C ALA A 131 1.63 5.85 26.93
N PRO A 132 1.64 6.53 28.09
CA PRO A 132 0.45 6.65 28.93
C PRO A 132 -0.66 7.55 28.37
N ARG A 133 -0.31 8.51 27.49
CA ARG A 133 -1.28 9.43 26.84
C ARG A 133 -0.88 9.64 25.38
N GLY A 134 -1.77 10.25 24.60
CA GLY A 134 -1.53 10.69 23.22
C GLY A 134 -2.25 12.01 22.94
N ILE A 135 -1.66 12.88 22.14
CA ILE A 135 -2.37 14.08 21.61
C ILE A 135 -2.40 13.92 20.09
N ILE A 136 -3.59 13.97 19.51
CA ILE A 136 -3.78 13.93 18.05
C ILE A 136 -4.23 15.32 17.61
N MET A 137 -3.59 15.84 16.57
CA MET A 137 -3.86 17.21 16.08
C MET A 137 -4.50 17.11 14.71
N ASP A 138 -5.54 17.93 14.51
CA ASP A 138 -6.29 18.15 13.26
C ASP A 138 -6.28 16.88 12.41
N TRP A 139 -7.11 15.90 12.79
CA TRP A 139 -7.18 14.53 12.20
C TRP A 139 -8.65 14.18 11.94
N LEU A 140 -9.02 13.95 10.68
CA LEU A 140 -10.41 13.70 10.24
C LEU A 140 -10.95 12.46 10.95
N MET A 141 -11.80 12.67 11.96
CA MET A 141 -12.30 11.62 12.88
C MET A 141 -13.31 10.70 12.18
N TRP A 142 -14.04 11.20 11.19
CA TRP A 142 -15.07 10.40 10.48
C TRP A 142 -14.44 9.71 9.28
N ALA A 143 -15.10 8.68 8.77
CA ALA A 143 -14.77 8.00 7.50
C ALA A 143 -14.77 9.04 6.39
N PRO A 144 -13.99 8.85 5.30
CA PRO A 144 -13.78 9.90 4.31
C PRO A 144 -15.10 10.35 3.68
N LYS A 145 -15.37 11.66 3.74
CA LYS A 145 -16.50 12.31 3.05
C LYS A 145 -16.15 12.41 1.58
N PRO A 146 -17.15 12.63 0.68
CA PRO A 146 -16.92 12.63 -0.76
C PRO A 146 -15.74 13.48 -1.22
N ASP A 147 -15.62 14.71 -0.72
CA ASP A 147 -14.54 15.66 -1.13
CA ASP A 147 -14.55 15.67 -1.14
C ASP A 147 -13.17 15.06 -0.81
N PHE A 148 -12.99 14.57 0.43
CA PHE A 148 -11.70 14.00 0.90
C PHE A 148 -11.43 12.67 0.17
N ALA A 149 -12.46 11.83 -0.01
CA ALA A 149 -12.37 10.56 -0.78
C ALA A 149 -11.85 10.86 -2.19
N LYS A 150 -12.43 11.85 -2.87
CA LYS A 150 -12.00 12.31 -4.22
C LYS A 150 -10.50 12.69 -4.16
N SER A 151 -10.10 13.49 -3.18
CA SER A 151 -8.70 13.93 -2.96
C SER A 151 -7.77 12.72 -2.90
N LEU A 152 -8.14 11.68 -2.17
CA LEU A 152 -7.34 10.42 -2.04
C LEU A 152 -7.20 9.78 -3.42
N THR A 153 -8.30 9.69 -4.19
CA THR A 153 -8.35 9.16 -5.57
C THR A 153 -7.40 9.93 -6.48
N LEU A 154 -7.36 11.27 -6.37
CA LEU A 154 -6.48 12.14 -7.20
C LEU A 154 -5.01 11.87 -6.87
N LEU A 155 -4.67 11.80 -5.57
CA LEU A 155 -3.28 11.62 -5.07
C LEU A 155 -2.73 10.30 -5.62
N LYS A 156 -3.54 9.25 -5.64
CA LYS A 156 -3.19 7.90 -6.15
C LYS A 156 -2.99 7.92 -7.67
N ASP A 157 -3.61 8.88 -8.37
CA ASP A 157 -3.59 8.99 -9.86
C ASP A 157 -2.28 9.62 -10.31
N PRO A 158 -1.42 8.89 -11.05
CA PRO A 158 -0.13 9.42 -11.49
C PRO A 158 -0.27 10.62 -12.45
N GLU A 159 -1.46 10.81 -13.03
CA GLU A 159 -1.75 11.89 -14.02
C GLU A 159 -2.38 13.12 -13.35
N ARG A 160 -2.87 12.98 -12.12
CA ARG A 160 -3.67 14.03 -11.41
C ARG A 160 -3.25 14.17 -9.95
N TRP A 161 -2.08 13.64 -9.55
CA TRP A 161 -1.62 13.69 -8.13
C TRP A 161 -1.41 15.14 -7.69
N ARG A 162 -0.84 16.01 -8.56
CA ARG A 162 -0.55 17.44 -8.23
C ARG A 162 -1.87 18.20 -8.08
N GLU A 163 -2.85 17.93 -8.95
CA GLU A 163 -4.25 18.41 -8.83
C GLU A 163 -4.80 17.98 -7.45
N GLY A 164 -4.49 16.75 -7.01
CA GLY A 164 -4.85 16.24 -5.66
C GLY A 164 -4.33 17.13 -4.54
N THR A 165 -3.03 17.43 -4.56
CA THR A 165 -2.36 18.25 -3.52
C THR A 165 -2.96 19.66 -3.52
N HIS A 166 -3.25 20.22 -4.70
CA HIS A 166 -3.75 21.61 -4.89
C HIS A 166 -5.14 21.74 -4.21
N GLY A 167 -6.03 20.78 -4.44
CA GLY A 167 -7.36 20.72 -3.78
C GLY A 167 -7.27 20.62 -2.27
N LEU A 168 -6.33 19.81 -1.78
CA LEU A 168 -6.09 19.64 -0.32
C LEU A 168 -5.50 20.93 0.25
N PHE A 169 -4.51 21.55 -0.40
CA PHE A 169 -3.95 22.87 0.01
C PHE A 169 -5.10 23.86 0.22
N ASP A 170 -6.04 23.93 -0.73
CA ASP A 170 -7.23 24.84 -0.70
C ASP A 170 -8.06 24.60 0.57
N VAL A 171 -8.40 23.34 0.86
CA VAL A 171 -9.16 22.93 2.07
C VAL A 171 -8.34 23.32 3.31
N TRP A 172 -7.04 23.03 3.32
CA TRP A 172 -6.19 23.20 4.51
C TRP A 172 -6.00 24.68 4.86
N LEU A 173 -5.87 25.56 3.87
CA LEU A 173 -5.70 27.02 4.11
C LEU A 173 -7.06 27.69 4.36
N ASP A 174 -8.15 27.11 3.84
CA ASP A 174 -9.54 27.47 4.18
C ASP A 174 -9.74 28.98 3.99
N GLY A 175 -9.22 29.56 2.90
CA GLY A 175 -9.45 30.95 2.49
C GLY A 175 -8.62 31.95 3.28
N HIS A 176 -7.60 31.47 4.00
CA HIS A 176 -6.67 32.29 4.82
C HIS A 176 -5.37 32.48 4.05
N ASP A 177 -4.94 33.73 3.92
CA ASP A 177 -3.57 34.10 3.50
C ASP A 177 -2.65 33.94 4.73
N GLU A 178 -2.48 32.68 5.18
CA GLU A 178 -1.64 32.34 6.37
CA GLU A 178 -1.65 32.32 6.36
C GLU A 178 -0.22 32.07 5.87
N LYS A 179 0.65 33.06 6.03
CA LYS A 179 2.03 33.12 5.46
C LYS A 179 2.83 31.86 5.83
N ARG A 180 2.89 31.53 7.12
CA ARG A 180 3.73 30.41 7.64
C ARG A 180 3.23 29.07 7.09
N VAL A 181 1.91 28.89 6.98
CA VAL A 181 1.31 27.61 6.51
C VAL A 181 1.46 27.55 4.99
N ARG A 182 1.32 28.68 4.30
CA ARG A 182 1.56 28.78 2.83
C ARG A 182 3.02 28.40 2.55
N HIS A 183 3.96 28.90 3.37
CA HIS A 183 5.41 28.57 3.29
C HIS A 183 5.61 27.05 3.43
N HIS A 184 4.91 26.43 4.40
CA HIS A 184 5.03 24.96 4.65
C HIS A 184 4.56 24.17 3.43
N LEU A 185 3.38 24.46 2.91
CA LEU A 185 2.75 23.70 1.79
C LEU A 185 3.54 23.92 0.49
N LEU A 186 3.91 25.15 0.19
CA LEU A 186 4.43 25.54 -1.16
C LEU A 186 5.96 25.47 -1.20
N GLU A 187 6.65 25.61 -0.07
CA GLU A 187 8.13 25.58 -0.04
C GLU A 187 8.63 24.28 0.62
N GLU A 188 8.18 24.00 1.83
CA GLU A 188 8.76 22.92 2.67
C GLU A 188 8.26 21.54 2.22
N MET A 189 7.16 21.49 1.45
N MET A 189 7.17 21.50 1.44
CA MET A 189 6.58 20.25 0.88
CA MET A 189 6.60 20.26 0.88
C MET A 189 6.86 20.17 -0.64
C MET A 189 6.83 20.18 -0.64
N ALA A 190 7.50 21.19 -1.22
CA ALA A 190 7.74 21.33 -2.68
C ALA A 190 8.52 20.14 -3.26
N ASP A 191 9.42 19.53 -2.49
CA ASP A 191 10.35 18.47 -2.99
C ASP A 191 9.70 17.09 -2.95
N TYR A 192 8.45 16.98 -2.49
CA TYR A 192 7.73 15.68 -2.35
C TYR A 192 6.97 15.39 -3.64
N GLY A 193 7.19 14.21 -4.23
CA GLY A 193 6.65 13.81 -5.54
C GLY A 193 5.56 12.76 -5.45
N TYR A 194 5.22 12.14 -6.58
CA TYR A 194 4.08 11.19 -6.72
C TYR A 194 4.31 9.96 -5.84
N ASP A 195 5.57 9.51 -5.71
CA ASP A 195 5.96 8.31 -4.93
C ASP A 195 5.43 8.43 -3.50
N CYS A 196 5.53 9.62 -2.89
CA CYS A 196 5.03 9.89 -1.52
C CYS A 196 3.51 10.13 -1.55
N TRP A 197 3.05 11.08 -2.37
CA TRP A 197 1.63 11.52 -2.41
C TRP A 197 0.72 10.34 -2.81
N GLY A 198 1.11 9.61 -3.86
CA GLY A 198 0.44 8.37 -4.27
C GLY A 198 0.33 7.40 -3.10
N ARG A 199 1.44 7.18 -2.39
CA ARG A 199 1.54 6.28 -1.21
C ARG A 199 0.59 6.75 -0.11
N SER A 200 0.59 8.06 0.20
CA SER A 200 -0.28 8.66 1.25
C SER A 200 -1.74 8.32 0.93
N GLY A 201 -2.17 8.46 -0.32
CA GLY A 201 -3.54 8.19 -0.76
C GLY A 201 -3.91 6.74 -0.51
N ARG A 202 -3.00 5.84 -0.85
CA ARG A 202 -3.21 4.37 -0.75
CA ARG A 202 -3.23 4.37 -0.75
C ARG A 202 -3.29 3.98 0.74
N VAL A 203 -2.30 4.41 1.52
CA VAL A 203 -2.20 4.08 2.97
C VAL A 203 -3.42 4.65 3.73
N ILE A 204 -3.82 5.90 3.47
CA ILE A 204 -4.91 6.55 4.26
C ILE A 204 -6.24 5.89 3.89
N GLU A 205 -6.48 5.67 2.60
CA GLU A 205 -7.66 4.92 2.08
C GLU A 205 -7.69 3.53 2.72
N ASP A 206 -6.55 2.84 2.75
CA ASP A 206 -6.39 1.50 3.38
C ASP A 206 -6.68 1.58 4.88
N ALA A 207 -6.15 2.61 5.57
CA ALA A 207 -6.29 2.80 7.03
C ALA A 207 -7.78 2.92 7.39
N TYR A 208 -8.51 3.80 6.70
CA TYR A 208 -9.98 3.99 6.84
C TYR A 208 -10.71 2.68 6.52
N GLY A 209 -10.39 2.03 5.40
CA GLY A 209 -11.03 0.78 4.96
C GLY A 209 -10.83 -0.34 5.97
N ARG A 210 -9.62 -0.44 6.53
CA ARG A 210 -9.21 -1.48 7.49
C ARG A 210 -9.78 -1.17 8.88
N ASN A 211 -9.57 0.05 9.38
CA ASN A 211 -9.82 0.41 10.81
C ASN A 211 -11.18 1.13 10.96
N GLY A 212 -11.81 1.52 9.85
CA GLY A 212 -13.08 2.28 9.80
C GLY A 212 -12.89 3.78 9.97
N SER A 213 -12.32 4.19 11.10
CA SER A 213 -12.07 5.62 11.42
C SER A 213 -11.06 5.69 12.55
N PRO A 214 -10.39 6.84 12.72
CA PRO A 214 -9.55 7.08 13.89
C PRO A 214 -10.30 6.74 15.20
N MET A 215 -11.57 7.14 15.26
CA MET A 215 -12.44 6.93 16.44
C MET A 215 -12.62 5.43 16.70
N GLN A 216 -12.99 4.65 15.67
CA GLN A 216 -13.16 3.18 15.80
C GLN A 216 -11.82 2.56 16.24
N MET A 217 -10.70 3.05 15.68
CA MET A 217 -9.35 2.49 15.99
C MET A 217 -9.02 2.77 17.46
N MET A 218 -9.29 3.98 17.97
CA MET A 218 -8.96 4.36 19.38
C MET A 218 -9.83 3.54 20.34
N ALA A 219 -11.13 3.47 20.07
CA ALA A 219 -12.11 2.64 20.83
C ALA A 219 -11.62 1.18 20.88
N ASN A 220 -10.97 0.71 19.81
CA ASN A 220 -10.55 -0.71 19.65
C ASN A 220 -9.23 -1.01 20.38
N LEU A 221 -8.49 0.01 20.86
CA LEU A 221 -7.21 -0.19 21.60
C LEU A 221 -7.43 -1.24 22.70
N THR A 222 -6.46 -2.14 22.89
CA THR A 222 -6.43 -3.17 23.97
C THR A 222 -6.44 -2.48 25.34
N LYS A 223 -5.67 -1.40 25.48
CA LYS A 223 -5.58 -0.55 26.70
C LYS A 223 -5.97 0.89 26.35
N THR A 224 -7.25 1.25 26.52
CA THR A 224 -7.71 2.66 26.36
C THR A 224 -6.95 3.52 27.38
N ARG A 225 -6.64 4.76 26.98
CA ARG A 225 -5.80 5.74 27.71
C ARG A 225 -6.28 7.14 27.38
N PRO A 226 -5.93 8.17 28.19
CA PRO A 226 -6.26 9.55 27.86
C PRO A 226 -5.70 9.99 26.50
N ILE A 227 -6.60 10.33 25.55
CA ILE A 227 -6.24 10.89 24.23
C ILE A 227 -7.03 12.18 24.06
N ARG A 228 -6.36 13.27 23.67
CA ARG A 228 -7.05 14.53 23.30
C ARG A 228 -6.86 14.79 21.80
N HIS A 229 -7.96 15.08 21.11
CA HIS A 229 -7.97 15.65 19.73
C HIS A 229 -8.08 17.17 19.81
N ILE A 230 -7.02 17.88 19.42
CA ILE A 230 -7.06 19.37 19.29
C ILE A 230 -7.00 19.66 17.78
N PHE A 231 -7.94 20.46 17.30
CA PHE A 231 -8.18 20.69 15.86
C PHE A 231 -8.76 22.09 15.67
N SER A 232 -8.52 22.62 14.48
CA SER A 232 -9.07 23.90 13.97
C SER A 232 -10.15 23.57 12.91
N GLN A 233 -9.96 22.50 12.14
CA GLN A 233 -10.92 22.15 11.06
C GLN A 233 -11.19 20.64 11.06
N PRO A 234 -12.25 20.15 10.38
CA PRO A 234 -13.34 21.00 9.85
C PRO A 234 -14.02 21.92 10.88
N THR A 235 -14.50 23.09 10.45
CA THR A 235 -15.01 24.18 11.33
C THR A 235 -16.51 24.05 11.58
N GLU A 236 -17.21 23.14 10.89
CA GLU A 236 -18.71 23.08 10.91
C GLU A 236 -19.16 22.41 12.20
N PRO A 237 -20.32 22.83 12.77
CA PRO A 237 -20.80 22.27 14.03
C PRO A 237 -20.95 20.74 14.03
N GLU A 238 -21.31 20.14 12.87
CA GLU A 238 -21.50 18.67 12.73
C GLU A 238 -20.22 17.96 13.14
N TYR A 239 -19.05 18.51 12.79
CA TYR A 239 -17.74 17.90 13.11
C TYR A 239 -17.45 18.05 14.60
N GLU A 240 -17.71 19.22 15.18
CA GLU A 240 -17.60 19.38 16.65
C GLU A 240 -18.51 18.34 17.31
N LYS A 241 -19.68 18.05 16.74
CA LYS A 241 -20.68 17.14 17.39
C LYS A 241 -20.11 15.72 17.47
N ILE A 242 -19.48 15.19 16.41
CA ILE A 242 -18.95 13.78 16.41
C ILE A 242 -17.87 13.66 17.50
N ASN A 243 -17.05 14.70 17.67
CA ASN A 243 -16.02 14.78 18.74
C ASN A 243 -16.71 14.83 20.11
N SER A 244 -17.72 15.70 20.26
CA SER A 244 -18.49 15.83 21.52
C SER A 244 -19.16 14.48 21.84
N ASP A 245 -19.74 13.83 20.82
CA ASP A 245 -20.46 12.53 20.93
C ASP A 245 -19.49 11.42 21.36
N PHE A 246 -18.29 11.37 20.77
CA PHE A 246 -17.23 10.40 21.12
C PHE A 246 -16.74 10.67 22.56
N ALA A 247 -16.61 11.94 22.94
CA ALA A 247 -16.07 12.38 24.25
C ALA A 247 -17.03 12.02 25.39
N GLU A 248 -18.34 12.19 25.13
CA GLU A 248 -19.47 11.84 26.02
C GLU A 248 -19.44 10.33 26.32
N GLN A 249 -19.09 9.53 25.30
CA GLN A 249 -19.16 8.05 25.31
C GLN A 249 -17.91 7.45 25.95
N HIS A 250 -16.78 8.17 25.89
CA HIS A 250 -15.43 7.66 26.27
C HIS A 250 -14.79 8.62 27.27
N PRO A 251 -14.74 8.26 28.58
CA PRO A 251 -14.08 9.08 29.59
C PRO A 251 -12.61 9.44 29.30
N TRP A 252 -11.88 8.54 28.62
CA TRP A 252 -10.43 8.73 28.28
C TRP A 252 -10.27 9.74 27.13
N PHE A 253 -11.33 10.00 26.36
CA PHE A 253 -11.26 10.90 25.19
C PHE A 253 -11.76 12.31 25.52
N SER A 254 -10.99 13.30 25.08
CA SER A 254 -11.33 14.74 25.15
C SER A 254 -10.88 15.41 23.85
N TYR A 255 -11.32 16.66 23.65
CA TYR A 255 -11.00 17.46 22.46
C TYR A 255 -10.96 18.94 22.86
N ALA A 256 -10.25 19.74 22.07
CA ALA A 256 -10.31 21.21 22.15
C ALA A 256 -10.33 21.77 20.72
N LYS A 257 -11.31 22.60 20.41
CA LYS A 257 -11.38 23.39 19.16
C LYS A 257 -10.46 24.60 19.34
N LEU A 258 -9.38 24.65 18.58
CA LEU A 258 -8.28 25.62 18.76
C LEU A 258 -8.61 26.96 18.11
N GLY A 259 -9.53 26.97 17.12
CA GLY A 259 -9.96 28.19 16.39
C GLY A 259 -8.80 28.82 15.65
N GLY A 260 -7.86 27.98 15.19
CA GLY A 260 -6.79 28.38 14.26
C GLY A 260 -7.34 28.45 12.84
N PRO A 261 -6.73 29.28 11.96
CA PRO A 261 -7.21 29.43 10.59
C PRO A 261 -7.11 28.17 9.71
N THR A 262 -6.13 27.29 9.94
CA THR A 262 -5.79 26.21 8.97
C THR A 262 -5.78 24.83 9.63
N HIS A 263 -5.52 23.83 8.79
CA HIS A 263 -5.29 22.40 9.11
C HIS A 263 -4.02 22.20 9.95
N PHE A 264 -3.16 23.20 10.12
CA PHE A 264 -1.81 23.06 10.75
C PHE A 264 -1.72 23.94 12.00
N PRO A 265 -2.43 23.59 13.09
CA PRO A 265 -2.31 24.34 14.35
C PRO A 265 -0.89 24.33 14.96
N ALA A 266 -0.07 23.33 14.64
CA ALA A 266 1.38 23.32 15.02
C ALA A 266 2.09 24.56 14.47
N ILE A 267 1.63 25.10 13.33
CA ILE A 267 2.28 26.28 12.68
C ILE A 267 1.56 27.59 13.06
N ASP A 268 0.23 27.60 13.05
CA ASP A 268 -0.54 28.87 13.07
C ASP A 268 -1.03 29.16 14.50
N VAL A 269 -1.01 28.20 15.42
CA VAL A 269 -1.30 28.41 16.87
C VAL A 269 -0.38 27.53 17.70
N PRO A 270 0.96 27.63 17.51
CA PRO A 270 1.90 26.76 18.22
C PRO A 270 1.83 26.89 19.75
N ASP A 271 1.51 28.09 20.25
CA ASP A 271 1.35 28.35 21.71
C ASP A 271 0.20 27.49 22.25
N ARG A 272 -0.91 27.42 21.51
CA ARG A 272 -2.14 26.69 21.91
C ARG A 272 -1.86 25.19 21.89
N ALA A 273 -1.25 24.67 20.82
CA ALA A 273 -0.83 23.24 20.76
C ALA A 273 0.01 22.92 22.00
N ALA A 274 0.96 23.82 22.34
CA ALA A 274 1.96 23.62 23.42
C ALA A 274 1.28 23.44 24.77
N VAL A 275 0.29 24.28 25.12
CA VAL A 275 -0.33 24.21 26.47
C VAL A 275 -1.02 22.84 26.64
N HIS A 276 -1.69 22.32 25.61
CA HIS A 276 -2.36 20.99 25.70
C HIS A 276 -1.29 19.90 25.90
N ILE A 277 -0.14 20.02 25.23
CA ILE A 277 0.97 19.04 25.35
C ILE A 277 1.53 19.11 26.78
N ARG A 278 1.88 20.32 27.25
CA ARG A 278 2.40 20.58 28.61
C ARG A 278 1.44 19.99 29.64
N GLU A 279 0.14 20.21 29.47
CA GLU A 279 -0.92 19.71 30.39
C GLU A 279 -0.83 18.18 30.51
N PHE A 280 -0.75 17.49 29.38
CA PHE A 280 -0.66 15.99 29.30
C PHE A 280 0.68 15.51 29.86
N ALA A 281 1.79 16.16 29.46
CA ALA A 281 3.15 15.90 30.00
C ALA A 281 3.15 16.04 31.52
N THR A 282 2.47 17.06 32.05
CA THR A 282 2.37 17.33 33.51
C THR A 282 1.57 16.21 34.18
N ALA A 283 0.40 15.86 33.63
CA ALA A 283 -0.47 14.75 34.07
C ALA A 283 0.35 13.46 34.19
N ILE A 284 1.23 13.19 33.21
CA ILE A 284 2.08 11.95 33.18
C ILE A 284 3.09 11.98 34.33
N ARG A 285 3.73 13.13 34.57
CA ARG A 285 4.70 13.31 35.68
C ARG A 285 3.99 13.10 37.03
N GLN A 286 2.74 13.59 37.17
CA GLN A 286 1.90 13.42 38.39
C GLN A 286 1.28 12.02 38.38
N GLY A 287 2.11 10.98 38.42
CA GLY A 287 1.69 9.56 38.42
C GLY A 287 1.28 9.10 37.03
N ASP B 15 -15.98 -24.89 -9.69
CA ASP B 15 -17.02 -23.91 -9.26
C ASP B 15 -17.64 -24.36 -7.91
N THR B 16 -17.35 -25.57 -7.43
CA THR B 16 -17.62 -26.04 -6.05
C THR B 16 -16.92 -25.12 -5.03
N TYR B 17 -15.75 -24.59 -5.40
CA TYR B 17 -14.78 -23.91 -4.51
C TYR B 17 -14.97 -22.38 -4.54
N LEU B 18 -15.99 -21.88 -5.22
CA LEU B 18 -16.18 -20.43 -5.43
C LEU B 18 -16.84 -19.84 -4.19
N HIS B 19 -16.23 -18.79 -3.64
CA HIS B 19 -16.72 -18.07 -2.43
C HIS B 19 -16.82 -16.58 -2.73
N GLU B 20 -17.54 -15.85 -1.87
CA GLU B 20 -17.59 -14.38 -1.83
C GLU B 20 -17.23 -13.94 -0.41
N THR B 21 -16.58 -12.77 -0.28
CA THR B 21 -16.29 -12.13 1.02
C THR B 21 -16.15 -10.62 0.81
N LEU B 22 -16.42 -9.85 1.86
CA LEU B 22 -16.18 -8.39 1.91
C LEU B 22 -14.69 -8.16 2.12
N VAL B 23 -14.06 -7.41 1.19
CA VAL B 23 -12.61 -7.06 1.24
C VAL B 23 -12.52 -5.52 1.22
N PHE B 24 -12.29 -4.95 2.41
CA PHE B 24 -12.41 -3.49 2.68
C PHE B 24 -13.83 -3.05 2.30
N ASP B 25 -14.01 -2.45 1.11
CA ASP B 25 -15.30 -1.86 0.65
C ASP B 25 -15.92 -2.72 -0.46
N ASN B 26 -15.19 -3.70 -0.99
CA ASN B 26 -15.57 -4.45 -2.22
C ASN B 26 -15.88 -5.91 -1.86
N LYS B 27 -16.97 -6.44 -2.41
CA LYS B 27 -17.30 -7.88 -2.40
C LYS B 27 -16.51 -8.56 -3.51
N LEU B 28 -15.50 -9.35 -3.13
CA LEU B 28 -14.66 -10.10 -4.09
C LEU B 28 -15.02 -11.57 -4.02
N SER B 29 -15.13 -12.21 -5.18
CA SER B 29 -15.19 -13.69 -5.32
C SER B 29 -13.76 -14.24 -5.29
N TYR B 30 -13.60 -15.48 -4.84
CA TYR B 30 -12.29 -16.18 -4.76
C TYR B 30 -12.54 -17.68 -4.68
N ILE B 31 -11.66 -18.46 -5.32
CA ILE B 31 -11.56 -19.94 -5.18
C ILE B 31 -10.78 -20.24 -3.91
N ASP B 32 -11.24 -21.22 -3.14
CA ASP B 32 -10.52 -21.79 -1.98
C ASP B 32 -11.03 -23.23 -1.80
N ASN B 33 -10.16 -24.22 -2.00
CA ASN B 33 -10.51 -25.66 -1.96
C ASN B 33 -10.52 -26.16 -0.51
N GLN B 34 -10.12 -25.30 0.43
CA GLN B 34 -10.12 -25.54 1.89
C GLN B 34 -9.45 -26.89 2.18
N ARG B 35 -8.35 -27.18 1.47
CA ARG B 35 -7.59 -28.44 1.63
C ARG B 35 -6.83 -28.39 2.95
N ASP B 36 -7.11 -29.34 3.85
CA ASP B 36 -6.39 -29.50 5.14
C ASP B 36 -5.10 -30.27 4.85
N THR B 37 -3.99 -29.55 4.68
CA THR B 37 -2.65 -30.12 4.38
C THR B 37 -1.56 -29.14 4.81
N ASP B 38 -0.31 -29.62 4.78
CA ASP B 38 0.93 -28.86 5.11
C ASP B 38 1.05 -27.69 4.14
N GLY B 39 1.65 -26.57 4.58
CA GLY B 39 1.90 -25.38 3.74
C GLY B 39 3.05 -25.62 2.78
N PRO B 40 3.37 -24.66 1.89
CA PRO B 40 2.61 -23.42 1.76
C PRO B 40 1.33 -23.61 0.94
N ALA B 41 0.36 -22.71 1.12
CA ALA B 41 -0.81 -22.54 0.25
C ALA B 41 -0.32 -22.04 -1.11
N ILE B 42 -0.95 -22.48 -2.19
CA ILE B 42 -0.68 -21.97 -3.56
C ILE B 42 -1.67 -20.84 -3.84
N LEU B 43 -1.17 -19.63 -4.08
CA LEU B 43 -1.99 -18.44 -4.44
C LEU B 43 -1.83 -18.21 -5.94
N LEU B 44 -2.83 -18.62 -6.72
CA LEU B 44 -2.89 -18.40 -8.19
C LEU B 44 -3.47 -17.02 -8.46
N LEU B 45 -2.68 -16.13 -9.06
CA LEU B 45 -3.06 -14.71 -9.29
C LEU B 45 -3.47 -14.51 -10.74
N PRO B 46 -4.78 -14.26 -10.99
CA PRO B 46 -5.22 -13.81 -12.30
C PRO B 46 -4.57 -12.47 -12.66
N GLY B 47 -4.45 -12.18 -13.96
CA GLY B 47 -4.06 -10.87 -14.47
C GLY B 47 -5.29 -10.01 -14.66
N TRP B 48 -5.31 -9.23 -15.74
CA TRP B 48 -6.37 -8.21 -15.93
C TRP B 48 -7.47 -8.75 -16.83
N CYS B 49 -8.73 -8.51 -16.43
CA CYS B 49 -9.94 -8.69 -17.27
C CYS B 49 -10.14 -10.18 -17.58
N HIS B 50 -9.69 -11.04 -16.67
CA HIS B 50 -10.14 -12.44 -16.53
C HIS B 50 -10.13 -12.80 -15.04
N ASP B 51 -10.54 -14.02 -14.73
CA ASP B 51 -10.80 -14.50 -13.35
C ASP B 51 -10.29 -15.94 -13.21
N HIS B 52 -10.60 -16.54 -12.05
CA HIS B 52 -10.23 -17.91 -11.61
C HIS B 52 -10.43 -18.94 -12.72
N ARG B 53 -11.39 -18.75 -13.62
CA ARG B 53 -11.67 -19.69 -14.73
C ARG B 53 -10.39 -20.01 -15.52
N VAL B 54 -9.47 -19.05 -15.68
CA VAL B 54 -8.15 -19.28 -16.38
C VAL B 54 -7.42 -20.46 -15.72
N TYR B 55 -7.66 -20.71 -14.43
CA TYR B 55 -6.90 -21.66 -13.58
C TYR B 55 -7.66 -22.95 -13.34
N LYS B 56 -8.83 -23.15 -13.95
CA LYS B 56 -9.68 -24.34 -13.65
C LYS B 56 -8.88 -25.63 -13.86
N TYR B 57 -8.00 -25.72 -14.87
CA TYR B 57 -7.23 -26.95 -15.20
C TYR B 57 -6.03 -27.08 -14.25
N LEU B 58 -5.38 -25.95 -13.95
CA LEU B 58 -4.22 -25.93 -13.03
C LEU B 58 -4.73 -26.28 -11.62
N ILE B 59 -5.93 -25.83 -11.24
CA ILE B 59 -6.53 -26.18 -9.91
C ILE B 59 -6.73 -27.71 -9.86
N GLN B 60 -7.16 -28.34 -10.96
CA GLN B 60 -7.32 -29.81 -11.08
C GLN B 60 -5.97 -30.50 -10.80
N GLU B 61 -4.87 -29.94 -11.32
CA GLU B 61 -3.50 -30.50 -11.13
C GLU B 61 -3.12 -30.45 -9.64
N LEU B 62 -3.52 -29.40 -8.93
CA LEU B 62 -2.99 -29.09 -7.57
C LEU B 62 -3.99 -29.47 -6.48
N ASP B 63 -5.27 -29.72 -6.84
CA ASP B 63 -6.40 -29.79 -5.86
C ASP B 63 -6.05 -30.72 -4.69
N ALA B 64 -5.66 -31.95 -4.98
CA ALA B 64 -5.49 -33.08 -4.02
C ALA B 64 -4.36 -32.81 -3.01
N ASP B 65 -3.28 -32.13 -3.42
CA ASP B 65 -1.98 -32.14 -2.71
C ASP B 65 -1.75 -30.82 -1.94
N PHE B 66 -2.52 -29.77 -2.24
CA PHE B 66 -2.26 -28.39 -1.77
C PHE B 66 -3.58 -27.67 -1.48
N ARG B 67 -3.53 -26.65 -0.61
CA ARG B 67 -4.59 -25.63 -0.47
C ARG B 67 -4.37 -24.58 -1.56
N VAL B 68 -5.41 -24.33 -2.37
CA VAL B 68 -5.32 -23.47 -3.58
C VAL B 68 -6.30 -22.32 -3.43
N ILE B 69 -5.77 -21.09 -3.48
CA ILE B 69 -6.52 -19.81 -3.31
CA ILE B 69 -6.57 -19.84 -3.34
C ILE B 69 -6.38 -19.02 -4.61
N VAL B 70 -7.50 -18.55 -5.17
CA VAL B 70 -7.54 -17.73 -6.41
C VAL B 70 -8.42 -16.52 -6.13
N PRO B 71 -7.83 -15.36 -5.77
CA PRO B 71 -8.61 -14.14 -5.58
C PRO B 71 -9.02 -13.59 -6.96
N ASN B 72 -10.22 -13.03 -7.06
CA ASN B 72 -10.66 -12.23 -8.23
C ASN B 72 -10.61 -10.76 -7.85
N TRP B 73 -10.15 -9.92 -8.77
CA TRP B 73 -9.93 -8.47 -8.52
C TRP B 73 -11.28 -7.76 -8.44
N ARG B 74 -11.27 -6.51 -8.00
CA ARG B 74 -12.48 -5.65 -7.89
C ARG B 74 -13.06 -5.52 -9.30
N GLY B 75 -14.35 -5.82 -9.46
CA GLY B 75 -15.09 -5.76 -10.74
C GLY B 75 -14.83 -6.98 -11.62
N HIS B 76 -14.08 -7.96 -11.11
CA HIS B 76 -13.73 -9.24 -11.80
C HIS B 76 -14.56 -10.38 -11.22
N GLY B 77 -14.81 -11.43 -12.02
CA GLY B 77 -15.52 -12.64 -11.58
C GLY B 77 -16.56 -13.05 -12.61
N LEU B 78 -17.47 -13.95 -12.23
CA LEU B 78 -18.48 -14.54 -13.15
C LEU B 78 -19.46 -13.45 -13.59
N SER B 79 -19.62 -12.39 -12.79
CA SER B 79 -20.43 -11.18 -13.08
C SER B 79 -19.56 -9.93 -12.99
N PRO B 80 -18.83 -9.56 -14.07
CA PRO B 80 -18.01 -8.34 -14.08
C PRO B 80 -18.86 -7.09 -13.87
N SER B 81 -18.31 -6.07 -13.19
CA SER B 81 -19.04 -4.82 -12.83
C SER B 81 -18.09 -3.63 -12.90
N GLU B 82 -18.67 -2.43 -13.04
CA GLU B 82 -17.97 -1.12 -12.96
C GLU B 82 -17.57 -0.87 -11.51
N VAL B 83 -16.31 -0.54 -11.26
CA VAL B 83 -15.77 -0.22 -9.90
C VAL B 83 -14.86 1.00 -10.01
N PRO B 84 -14.61 1.73 -8.89
CA PRO B 84 -13.61 2.79 -8.87
C PRO B 84 -12.21 2.33 -9.33
N ASP B 85 -11.43 3.25 -9.90
CA ASP B 85 -10.05 3.02 -10.38
C ASP B 85 -9.17 2.49 -9.25
N PHE B 86 -8.46 1.39 -9.51
CA PHE B 86 -7.46 0.78 -8.59
C PHE B 86 -6.26 0.29 -9.40
N GLY B 87 -5.16 -0.03 -8.71
CA GLY B 87 -3.87 -0.42 -9.31
C GLY B 87 -3.38 -1.73 -8.74
N TYR B 88 -2.11 -2.09 -8.97
CA TYR B 88 -1.53 -3.39 -8.52
C TYR B 88 -1.30 -3.35 -7.01
N GLN B 89 -1.09 -2.17 -6.43
CA GLN B 89 -0.98 -1.97 -4.95
C GLN B 89 -2.28 -2.42 -4.27
N GLU B 90 -3.43 -2.04 -4.83
CA GLU B 90 -4.77 -2.42 -4.32
C GLU B 90 -4.95 -3.94 -4.48
N GLN B 91 -4.49 -4.52 -5.59
CA GLN B 91 -4.60 -5.99 -5.82
C GLN B 91 -3.84 -6.71 -4.71
N VAL B 92 -2.67 -6.18 -4.33
CA VAL B 92 -1.79 -6.76 -3.28
C VAL B 92 -2.52 -6.75 -1.94
N LYS B 93 -3.07 -5.61 -1.52
CA LYS B 93 -3.83 -5.45 -0.24
C LYS B 93 -5.03 -6.40 -0.24
N ASP B 94 -5.73 -6.48 -1.38
CA ASP B 94 -6.92 -7.35 -1.58
C ASP B 94 -6.52 -8.80 -1.34
N ALA B 95 -5.44 -9.27 -2.00
CA ALA B 95 -4.94 -10.66 -1.93
C ALA B 95 -4.57 -11.00 -0.48
N LEU B 96 -3.84 -10.10 0.19
CA LEU B 96 -3.40 -10.32 1.58
C LEU B 96 -4.61 -10.34 2.51
N GLU B 97 -5.56 -9.41 2.33
CA GLU B 97 -6.79 -9.32 3.17
C GLU B 97 -7.57 -10.63 3.08
N ILE B 98 -7.69 -11.24 1.89
CA ILE B 98 -8.32 -12.58 1.71
C ILE B 98 -7.50 -13.63 2.49
N LEU B 99 -6.17 -13.59 2.38
CA LEU B 99 -5.28 -14.56 3.09
C LEU B 99 -5.40 -14.37 4.60
N ASP B 100 -5.53 -13.13 5.07
CA ASP B 100 -5.71 -12.78 6.51
C ASP B 100 -7.05 -13.33 7.01
N GLN B 101 -8.11 -13.19 6.21
CA GLN B 101 -9.48 -13.67 6.55
C GLN B 101 -9.49 -15.19 6.61
N LEU B 102 -8.72 -15.86 5.74
CA LEU B 102 -8.65 -17.34 5.63
C LEU B 102 -7.64 -17.91 6.63
N GLY B 103 -6.89 -17.04 7.32
CA GLY B 103 -5.90 -17.42 8.34
C GLY B 103 -4.71 -18.14 7.73
N VAL B 104 -4.41 -17.89 6.45
CA VAL B 104 -3.26 -18.47 5.69
C VAL B 104 -2.04 -17.60 5.99
N GLU B 105 -0.91 -18.22 6.35
CA GLU B 105 0.34 -17.51 6.76
C GLU B 105 1.36 -17.57 5.62
N THR B 106 1.95 -18.74 5.36
CA THR B 106 2.97 -18.96 4.30
C THR B 106 2.25 -19.34 2.99
N PHE B 107 2.67 -18.76 1.87
CA PHE B 107 2.07 -19.04 0.54
C PHE B 107 3.12 -18.91 -0.56
N LEU B 108 2.87 -19.63 -1.66
CA LEU B 108 3.64 -19.56 -2.91
C LEU B 108 2.76 -18.88 -3.95
N PRO B 109 3.02 -17.59 -4.28
CA PRO B 109 2.23 -16.88 -5.28
C PRO B 109 2.64 -17.32 -6.69
N VAL B 110 1.65 -17.51 -7.57
CA VAL B 110 1.84 -17.89 -9.00
C VAL B 110 0.95 -16.96 -9.83
N SER B 111 1.56 -16.13 -10.68
CA SER B 111 0.87 -15.09 -11.48
C SER B 111 0.84 -15.50 -12.95
N HIS B 112 -0.15 -14.99 -13.67
CA HIS B 112 -0.20 -15.02 -15.16
C HIS B 112 -0.11 -13.59 -15.68
N ALA B 113 0.82 -13.38 -16.60
CA ALA B 113 1.05 -12.11 -17.32
C ALA B 113 1.10 -10.97 -16.31
N HIS B 114 0.19 -10.01 -16.36
CA HIS B 114 0.32 -8.75 -15.58
C HIS B 114 -0.26 -8.91 -14.16
N GLY B 115 -0.71 -10.12 -13.82
CA GLY B 115 -0.74 -10.61 -12.42
C GLY B 115 0.62 -10.49 -11.76
N GLY B 116 1.71 -10.55 -12.55
CA GLY B 116 3.10 -10.44 -12.11
C GLY B 116 3.40 -9.16 -11.34
N TRP B 117 2.86 -8.03 -11.76
CA TRP B 117 3.01 -6.75 -11.01
C TRP B 117 2.53 -6.94 -9.58
N VAL B 118 1.40 -7.65 -9.40
CA VAL B 118 0.81 -7.98 -8.07
C VAL B 118 1.77 -8.93 -7.33
N LEU B 119 2.27 -9.96 -8.01
CA LEU B 119 3.11 -11.02 -7.38
C LEU B 119 4.40 -10.40 -6.81
N VAL B 120 5.08 -9.57 -7.60
CA VAL B 120 6.41 -9.01 -7.21
C VAL B 120 6.20 -8.05 -6.02
N GLU B 121 5.15 -7.24 -6.06
CA GLU B 121 4.85 -6.26 -4.99
C GLU B 121 4.42 -7.02 -3.73
N LEU B 122 3.74 -8.15 -3.92
CA LEU B 122 3.27 -9.06 -2.84
C LEU B 122 4.49 -9.72 -2.18
N LEU B 123 5.52 -10.08 -2.95
CA LEU B 123 6.82 -10.54 -2.37
C LEU B 123 7.43 -9.43 -1.51
N GLU B 124 7.43 -8.19 -1.99
CA GLU B 124 8.00 -7.01 -1.28
C GLU B 124 7.23 -6.82 0.04
N GLN B 125 5.89 -6.83 -0.03
CA GLN B 125 5.01 -6.43 1.10
C GLN B 125 4.85 -7.58 2.10
N ALA B 126 4.77 -8.84 1.64
CA ALA B 126 4.61 -10.02 2.51
C ALA B 126 5.96 -10.41 3.14
N GLY B 127 7.06 -10.11 2.44
CA GLY B 127 8.42 -10.44 2.90
C GLY B 127 8.76 -11.90 2.64
N PRO B 128 10.01 -12.32 2.91
CA PRO B 128 10.53 -13.63 2.51
C PRO B 128 10.19 -14.82 3.44
N GLU B 129 9.60 -14.55 4.60
CA GLU B 129 9.12 -15.59 5.55
C GLU B 129 7.74 -16.08 5.09
N ARG B 130 6.87 -15.13 4.75
CA ARG B 130 5.47 -15.34 4.34
C ARG B 130 5.42 -15.80 2.87
N ALA B 131 6.25 -15.20 2.00
CA ALA B 131 6.34 -15.50 0.55
C ALA B 131 7.80 -15.78 0.19
N PRO B 132 8.30 -17.00 0.47
CA PRO B 132 9.70 -17.34 0.21
C PRO B 132 10.09 -17.47 -1.27
N ARG B 133 9.13 -17.77 -2.16
CA ARG B 133 9.38 -17.96 -3.61
C ARG B 133 8.21 -17.39 -4.42
N GLY B 134 8.39 -17.26 -5.74
CA GLY B 134 7.33 -16.81 -6.67
C GLY B 134 7.48 -17.51 -8.00
N ILE B 135 6.37 -17.87 -8.64
CA ILE B 135 6.39 -18.33 -10.06
C ILE B 135 5.62 -17.30 -10.86
N ILE B 136 6.26 -16.76 -11.89
CA ILE B 136 5.59 -15.83 -12.83
C ILE B 136 5.43 -16.57 -14.16
N MET B 137 4.24 -16.50 -14.73
CA MET B 137 3.90 -17.24 -15.96
C MET B 137 3.67 -16.24 -17.08
N ASP B 138 4.27 -16.53 -18.22
CA ASP B 138 4.12 -15.84 -19.53
C ASP B 138 3.89 -14.34 -19.28
N TRP B 139 4.96 -13.62 -18.96
CA TRP B 139 4.96 -12.20 -18.54
C TRP B 139 6.06 -11.47 -19.31
N LEU B 140 5.69 -10.48 -20.12
CA LEU B 140 6.62 -9.76 -21.02
C LEU B 140 7.71 -9.09 -20.15
N MET B 141 8.90 -9.68 -20.13
CA MET B 141 10.04 -9.29 -19.26
C MET B 141 10.66 -7.97 -19.70
N TRP B 142 10.58 -7.61 -20.98
CA TRP B 142 11.18 -6.35 -21.49
C TRP B 142 10.14 -5.22 -21.42
N ALA B 143 10.62 -3.99 -21.49
CA ALA B 143 9.79 -2.77 -21.66
C ALA B 143 9.00 -2.94 -22.94
N PRO B 144 7.81 -2.31 -23.06
CA PRO B 144 6.89 -2.59 -24.16
C PRO B 144 7.52 -2.28 -25.52
N LYS B 145 7.51 -3.27 -26.40
CA LYS B 145 7.80 -3.13 -27.85
C LYS B 145 6.70 -2.32 -28.52
N PRO B 146 6.94 -1.73 -29.72
CA PRO B 146 5.94 -0.90 -30.40
C PRO B 146 4.55 -1.53 -30.50
N ASP B 147 4.46 -2.81 -30.89
CA ASP B 147 3.15 -3.48 -31.11
C ASP B 147 2.39 -3.55 -29.78
N PHE B 148 3.06 -3.98 -28.70
CA PHE B 148 2.43 -4.09 -27.36
C PHE B 148 2.07 -2.70 -26.81
N ALA B 149 2.96 -1.72 -27.00
CA ALA B 149 2.73 -0.30 -26.61
C ALA B 149 1.45 0.20 -27.28
N LYS B 150 1.32 -0.03 -28.59
CA LYS B 150 0.11 0.31 -29.38
C LYS B 150 -1.12 -0.34 -28.73
N SER B 151 -1.07 -1.64 -28.45
CA SER B 151 -2.14 -2.42 -27.79
C SER B 151 -2.60 -1.72 -26.50
N LEU B 152 -1.68 -1.27 -25.67
CA LEU B 152 -2.01 -0.57 -24.41
C LEU B 152 -2.77 0.73 -24.74
N THR B 153 -2.29 1.49 -25.72
CA THR B 153 -2.92 2.75 -26.23
C THR B 153 -4.36 2.48 -26.71
N LEU B 154 -4.59 1.37 -27.42
CA LEU B 154 -5.94 0.99 -27.95
C LEU B 154 -6.87 0.68 -26.79
N LEU B 155 -6.41 -0.13 -25.81
CA LEU B 155 -7.23 -0.58 -24.66
C LEU B 155 -7.72 0.65 -23.87
N LYS B 156 -6.85 1.66 -23.70
CA LYS B 156 -7.17 2.93 -23.00
C LYS B 156 -8.19 3.76 -23.78
N ASP B 157 -8.26 3.57 -25.11
CA ASP B 157 -9.13 4.34 -26.04
C ASP B 157 -10.57 3.82 -25.94
N PRO B 158 -11.52 4.66 -25.47
CA PRO B 158 -12.91 4.22 -25.33
C PRO B 158 -13.57 3.88 -26.67
N GLU B 159 -12.99 4.32 -27.79
CA GLU B 159 -13.53 4.12 -29.16
C GLU B 159 -12.91 2.89 -29.83
N ARG B 160 -11.78 2.40 -29.33
CA ARG B 160 -10.94 1.35 -29.99
C ARG B 160 -10.46 0.28 -28.99
N TRP B 161 -11.07 0.19 -27.79
CA TRP B 161 -10.67 -0.79 -26.76
C TRP B 161 -10.88 -2.23 -27.28
N ARG B 162 -11.99 -2.49 -28.01
CA ARG B 162 -12.31 -3.85 -28.51
C ARG B 162 -11.33 -4.24 -29.63
N GLU B 163 -10.96 -3.28 -30.48
CA GLU B 163 -9.86 -3.43 -31.48
C GLU B 163 -8.57 -3.80 -30.74
N GLY B 164 -8.32 -3.18 -29.57
CA GLY B 164 -7.20 -3.51 -28.67
C GLY B 164 -7.18 -4.98 -28.29
N THR B 165 -8.30 -5.49 -27.77
CA THR B 165 -8.44 -6.90 -27.30
C THR B 165 -8.23 -7.86 -28.49
N HIS B 166 -8.76 -7.53 -29.67
CA HIS B 166 -8.72 -8.38 -30.88
C HIS B 166 -7.26 -8.61 -31.30
N GLY B 167 -6.46 -7.54 -31.38
CA GLY B 167 -5.01 -7.59 -31.66
C GLY B 167 -4.26 -8.45 -30.65
N LEU B 168 -4.58 -8.31 -29.37
CA LEU B 168 -3.94 -9.07 -28.28
C LEU B 168 -4.35 -10.55 -28.37
N PHE B 169 -5.64 -10.83 -28.58
CA PHE B 169 -6.13 -12.22 -28.81
C PHE B 169 -5.27 -12.89 -29.90
N ASP B 170 -5.05 -12.20 -31.02
CA ASP B 170 -4.24 -12.68 -32.18
C ASP B 170 -2.81 -13.07 -31.72
N VAL B 171 -2.14 -12.17 -31.01
CA VAL B 171 -0.77 -12.39 -30.45
C VAL B 171 -0.82 -13.60 -29.53
N TRP B 172 -1.82 -13.66 -28.63
CA TRP B 172 -1.87 -14.68 -27.55
C TRP B 172 -2.11 -16.08 -28.11
N LEU B 173 -2.94 -16.22 -29.16
CA LEU B 173 -3.23 -17.54 -29.78
C LEU B 173 -2.13 -17.92 -30.77
N ASP B 174 -1.43 -16.93 -31.34
CA ASP B 174 -0.18 -17.12 -32.12
C ASP B 174 -0.41 -18.14 -33.24
N GLY B 175 -1.57 -18.06 -33.91
CA GLY B 175 -1.89 -18.88 -35.08
C GLY B 175 -2.31 -20.30 -34.73
N HIS B 176 -2.64 -20.56 -33.45
CA HIS B 176 -3.09 -21.88 -32.96
C HIS B 176 -4.62 -21.88 -32.83
N ASP B 177 -5.27 -22.89 -33.39
CA ASP B 177 -6.67 -23.26 -33.11
C ASP B 177 -6.69 -24.03 -31.79
N GLU B 178 -6.34 -23.35 -30.69
CA GLU B 178 -6.28 -23.93 -29.33
CA GLU B 178 -6.29 -23.94 -29.33
C GLU B 178 -7.66 -23.73 -28.67
N LYS B 179 -8.48 -24.79 -28.69
CA LYS B 179 -9.90 -24.80 -28.28
C LYS B 179 -10.07 -24.17 -26.89
N ARG B 180 -9.35 -24.68 -25.88
CA ARG B 180 -9.48 -24.27 -24.47
C ARG B 180 -9.14 -22.78 -24.30
N VAL B 181 -8.10 -22.30 -24.98
CA VAL B 181 -7.64 -20.90 -24.84
C VAL B 181 -8.59 -19.99 -25.61
N ARG B 182 -9.07 -20.45 -26.77
CA ARG B 182 -10.11 -19.74 -27.55
C ARG B 182 -11.36 -19.57 -26.68
N HIS B 183 -11.77 -20.63 -25.98
CA HIS B 183 -12.94 -20.64 -25.06
C HIS B 183 -12.72 -19.59 -23.97
N HIS B 184 -11.51 -19.50 -23.42
CA HIS B 184 -11.18 -18.52 -22.35
C HIS B 184 -11.34 -17.08 -22.86
N LEU B 185 -10.72 -16.75 -24.00
CA LEU B 185 -10.69 -15.38 -24.55
C LEU B 185 -12.10 -14.97 -25.02
N LEU B 186 -12.80 -15.85 -25.72
CA LEU B 186 -14.05 -15.48 -26.44
C LEU B 186 -15.30 -15.72 -25.59
N GLU B 187 -15.25 -16.62 -24.62
CA GLU B 187 -16.43 -16.94 -23.76
C GLU B 187 -16.22 -16.40 -22.34
N GLU B 188 -15.12 -16.79 -21.70
CA GLU B 188 -14.91 -16.56 -20.25
C GLU B 188 -14.49 -15.10 -20.00
N MET B 189 -14.02 -14.39 -21.03
N MET B 189 -14.06 -14.36 -21.02
CA MET B 189 -13.62 -12.95 -20.94
CA MET B 189 -13.67 -12.94 -20.88
C MET B 189 -14.66 -12.05 -21.64
C MET B 189 -14.63 -12.05 -21.69
N ALA B 190 -15.71 -12.64 -22.23
CA ALA B 190 -16.72 -11.96 -23.07
C ALA B 190 -17.44 -10.84 -22.29
N ASP B 191 -17.64 -11.01 -20.97
CA ASP B 191 -18.48 -10.12 -20.14
C ASP B 191 -17.67 -8.92 -19.63
N TYR B 192 -16.37 -8.84 -19.95
CA TYR B 192 -15.46 -7.76 -19.49
C TYR B 192 -15.51 -6.60 -20.48
N GLY B 193 -15.78 -5.38 -20.00
CA GLY B 193 -16.00 -4.18 -20.82
C GLY B 193 -14.85 -3.19 -20.71
N TYR B 194 -15.07 -1.96 -21.21
CA TYR B 194 -14.02 -0.92 -21.34
C TYR B 194 -13.50 -0.52 -19.95
N ASP B 195 -14.36 -0.54 -18.92
CA ASP B 195 -13.99 -0.16 -17.53
C ASP B 195 -12.77 -0.97 -17.06
N CYS B 196 -12.76 -2.28 -17.34
CA CYS B 196 -11.63 -3.19 -17.00
C CYS B 196 -10.48 -3.00 -17.99
N TRP B 197 -10.76 -3.15 -19.29
CA TRP B 197 -9.73 -3.17 -20.37
C TRP B 197 -8.99 -1.83 -20.39
N GLY B 198 -9.73 -0.72 -20.34
CA GLY B 198 -9.17 0.64 -20.21
C GLY B 198 -8.24 0.73 -19.01
N ARG B 199 -8.69 0.24 -17.85
CA ARG B 199 -7.92 0.22 -16.58
C ARG B 199 -6.63 -0.60 -16.74
N SER B 200 -6.73 -1.78 -17.36
CA SER B 200 -5.57 -2.68 -17.59
C SER B 200 -4.50 -1.92 -18.39
N GLY B 201 -4.91 -1.21 -19.44
CA GLY B 201 -4.00 -0.45 -20.31
C GLY B 201 -3.26 0.61 -19.53
N ARG B 202 -3.98 1.32 -18.66
CA ARG B 202 -3.45 2.46 -17.86
C ARG B 202 -2.46 1.91 -16.82
N VAL B 203 -2.89 0.91 -16.06
CA VAL B 203 -2.10 0.30 -14.95
C VAL B 203 -0.81 -0.32 -15.52
N ILE B 204 -0.91 -1.08 -16.62
CA ILE B 204 0.26 -1.85 -17.15
C ILE B 204 1.26 -0.85 -17.77
N GLU B 205 0.75 0.11 -18.54
CA GLU B 205 1.56 1.21 -19.13
C GLU B 205 2.27 1.97 -18.00
N ASP B 206 1.52 2.30 -16.93
CA ASP B 206 2.06 2.98 -15.73
C ASP B 206 3.13 2.10 -15.05
N ALA B 207 2.85 0.80 -14.90
CA ALA B 207 3.75 -0.18 -14.22
C ALA B 207 5.11 -0.20 -14.92
N TYR B 208 5.13 -0.37 -16.24
CA TYR B 208 6.33 -0.34 -17.12
C TYR B 208 7.03 1.01 -16.99
N GLY B 209 6.28 2.12 -17.12
CA GLY B 209 6.82 3.49 -17.05
C GLY B 209 7.49 3.77 -15.72
N ARG B 210 6.86 3.32 -14.63
N ARG B 210 6.89 3.33 -14.61
CA ARG B 210 7.28 3.55 -13.23
CA ARG B 210 7.40 3.62 -13.25
C ARG B 210 8.44 2.61 -12.88
C ARG B 210 8.49 2.61 -12.88
N ASN B 211 8.27 1.30 -13.12
CA ASN B 211 9.18 0.24 -12.64
C ASN B 211 10.22 -0.14 -13.70
N GLY B 212 10.05 0.31 -14.95
CA GLY B 212 10.90 0.00 -16.12
C GLY B 212 10.54 -1.33 -16.78
N SER B 213 10.62 -2.42 -16.04
CA SER B 213 10.28 -3.78 -16.54
C SER B 213 10.06 -4.69 -15.35
N PRO B 214 9.37 -5.84 -15.53
CA PRO B 214 9.30 -6.87 -14.51
C PRO B 214 10.70 -7.21 -13.98
N MET B 215 11.68 -7.31 -14.88
CA MET B 215 13.08 -7.64 -14.53
C MET B 215 13.69 -6.57 -13.62
N GLN B 216 13.58 -5.30 -13.98
CA GLN B 216 14.07 -4.17 -13.14
C GLN B 216 13.36 -4.22 -11.78
N MET B 217 12.05 -4.50 -11.77
CA MET B 217 11.24 -4.53 -10.52
C MET B 217 11.72 -5.67 -9.62
N MET B 218 12.00 -6.86 -10.17
CA MET B 218 12.42 -8.04 -9.37
C MET B 218 13.82 -7.79 -8.80
N ALA B 219 14.75 -7.31 -9.63
CA ALA B 219 16.11 -6.91 -9.25
C ALA B 219 16.05 -5.90 -8.09
N ASN B 220 15.03 -5.04 -8.08
CA ASN B 220 14.86 -3.92 -7.12
C ASN B 220 14.20 -4.37 -5.81
N LEU B 221 13.70 -5.62 -5.72
CA LEU B 221 13.14 -6.17 -4.44
C LEU B 221 14.15 -5.93 -3.31
N THR B 222 13.66 -5.53 -2.12
CA THR B 222 14.48 -5.29 -0.90
C THR B 222 15.17 -6.61 -0.49
N LYS B 223 14.41 -7.71 -0.53
CA LYS B 223 14.86 -9.09 -0.22
C LYS B 223 14.64 -9.98 -1.45
N THR B 224 15.65 -10.10 -2.32
CA THR B 224 15.63 -11.02 -3.48
C THR B 224 15.42 -12.45 -2.96
N ARG B 225 14.66 -13.23 -3.71
CA ARG B 225 14.22 -14.63 -3.42
C ARG B 225 14.14 -15.42 -4.71
N PRO B 226 14.11 -16.78 -4.64
CA PRO B 226 13.93 -17.59 -5.85
C PRO B 226 12.64 -17.28 -6.60
N ILE B 227 12.77 -16.80 -7.85
CA ILE B 227 11.62 -16.55 -8.76
C ILE B 227 11.93 -17.31 -10.06
N ARG B 228 10.96 -18.07 -10.56
CA ARG B 228 11.04 -18.70 -11.89
C ARG B 228 10.01 -18.06 -12.83
N HIS B 229 10.45 -17.68 -14.01
CA HIS B 229 9.57 -17.32 -15.16
C HIS B 229 9.41 -18.54 -16.07
N ILE B 230 8.19 -19.08 -16.13
CA ILE B 230 7.83 -20.16 -17.08
C ILE B 230 6.90 -19.53 -18.12
N PHE B 231 7.25 -19.68 -19.39
CA PHE B 231 6.58 -18.97 -20.50
C PHE B 231 6.62 -19.84 -21.74
N SER B 232 5.64 -19.60 -22.62
CA SER B 232 5.56 -20.19 -23.97
C SER B 232 5.92 -19.10 -25.00
N GLN B 233 5.54 -17.84 -24.77
CA GLN B 233 5.81 -16.73 -25.73
C GLN B 233 6.34 -15.49 -25.00
N PRO B 234 6.94 -14.51 -25.70
CA PRO B 234 7.33 -14.62 -27.12
C PRO B 234 8.28 -15.80 -27.41
N THR B 235 8.18 -16.38 -28.61
CA THR B 235 8.84 -17.66 -29.00
C THR B 235 10.21 -17.40 -29.63
N GLU B 236 10.58 -16.15 -29.89
CA GLU B 236 11.81 -15.81 -30.68
C GLU B 236 13.03 -15.92 -29.77
N PRO B 237 14.20 -16.35 -30.31
CA PRO B 237 15.38 -16.57 -29.48
C PRO B 237 15.85 -15.32 -28.70
N GLU B 238 15.62 -14.12 -29.24
CA GLU B 238 15.97 -12.83 -28.58
C GLU B 238 15.35 -12.78 -27.19
N TYR B 239 14.10 -13.24 -27.06
CA TYR B 239 13.33 -13.22 -25.79
C TYR B 239 13.91 -14.28 -24.84
N GLU B 240 14.19 -15.49 -25.33
CA GLU B 240 14.91 -16.49 -24.51
C GLU B 240 16.21 -15.87 -24.00
N LYS B 241 16.90 -15.06 -24.82
CA LYS B 241 18.24 -14.53 -24.45
C LYS B 241 18.12 -13.55 -23.27
N ILE B 242 17.14 -12.66 -23.25
CA ILE B 242 16.98 -11.67 -22.13
C ILE B 242 16.74 -12.43 -20.82
N ASN B 243 15.95 -13.52 -20.87
CA ASN B 243 15.70 -14.42 -19.70
C ASN B 243 17.02 -15.11 -19.32
N SER B 244 17.76 -15.64 -20.28
CA SER B 244 19.06 -16.31 -20.04
C SER B 244 20.05 -15.30 -19.43
N ASP B 245 20.06 -14.07 -19.96
CA ASP B 245 20.95 -12.96 -19.55
C ASP B 245 20.62 -12.54 -18.11
N PHE B 246 19.34 -12.40 -17.78
CA PHE B 246 18.85 -12.09 -16.40
C PHE B 246 19.22 -13.22 -15.44
N ALA B 247 19.09 -14.48 -15.88
CA ALA B 247 19.29 -15.70 -15.06
C ALA B 247 20.78 -15.86 -14.71
N GLU B 248 21.66 -15.57 -15.66
CA GLU B 248 23.14 -15.58 -15.52
C GLU B 248 23.56 -14.54 -14.46
N GLN B 249 22.87 -13.39 -14.44
CA GLN B 249 23.21 -12.21 -13.60
C GLN B 249 22.66 -12.38 -12.18
N HIS B 250 21.59 -13.16 -12.00
CA HIS B 250 20.80 -13.26 -10.74
C HIS B 250 20.67 -14.72 -10.34
N PRO B 251 21.41 -15.16 -9.29
CA PRO B 251 21.33 -16.55 -8.78
C PRO B 251 19.92 -17.00 -8.39
N TRP B 252 19.08 -16.08 -7.90
CA TRP B 252 17.70 -16.34 -7.42
C TRP B 252 16.74 -16.51 -8.60
N PHE B 253 17.12 -16.06 -9.80
CA PHE B 253 16.23 -16.08 -10.98
C PHE B 253 16.54 -17.27 -11.88
N SER B 254 15.48 -17.97 -12.29
CA SER B 254 15.50 -19.08 -13.27
C SER B 254 14.29 -18.94 -14.19
N TYR B 255 14.29 -19.71 -15.26
CA TYR B 255 13.19 -19.74 -16.26
C TYR B 255 13.10 -21.14 -16.85
N ALA B 256 11.92 -21.47 -17.37
CA ALA B 256 11.71 -22.65 -18.23
C ALA B 256 10.81 -22.23 -19.40
N LYS B 257 11.29 -22.45 -20.63
CA LYS B 257 10.46 -22.33 -21.84
C LYS B 257 9.60 -23.59 -21.93
N LEU B 258 8.29 -23.42 -21.82
CA LEU B 258 7.31 -24.52 -21.69
C LEU B 258 6.97 -25.11 -23.07
N GLY B 259 7.17 -24.35 -24.15
CA GLY B 259 6.92 -24.82 -25.52
C GLY B 259 5.44 -25.08 -25.74
N GLY B 260 4.56 -24.37 -25.03
CA GLY B 260 3.11 -24.42 -25.22
C GLY B 260 2.69 -23.51 -26.36
N PRO B 261 1.51 -23.73 -26.98
CA PRO B 261 1.13 -22.96 -28.17
C PRO B 261 0.80 -21.47 -27.91
N THR B 262 0.32 -21.10 -26.72
CA THR B 262 -0.29 -19.76 -26.49
C THR B 262 0.33 -19.07 -25.28
N HIS B 263 -0.15 -17.84 -25.05
CA HIS B 263 0.15 -16.95 -23.89
C HIS B 263 -0.38 -17.55 -22.57
N PHE B 264 -1.20 -18.60 -22.61
CA PHE B 264 -1.90 -19.15 -21.41
C PHE B 264 -1.46 -20.58 -21.11
N PRO B 265 -0.21 -20.79 -20.65
CA PRO B 265 0.24 -22.13 -20.27
C PRO B 265 -0.56 -22.78 -19.14
N ALA B 266 -1.19 -21.98 -18.26
CA ALA B 266 -2.15 -22.44 -17.22
C ALA B 266 -3.27 -23.26 -17.87
N ILE B 267 -3.65 -22.94 -19.12
CA ILE B 267 -4.77 -23.62 -19.84
C ILE B 267 -4.24 -24.73 -20.77
N ASP B 268 -3.19 -24.45 -21.54
CA ASP B 268 -2.82 -25.32 -22.69
C ASP B 268 -1.69 -26.28 -22.32
N VAL B 269 -0.99 -26.07 -21.20
CA VAL B 269 0.02 -27.01 -20.64
C VAL B 269 -0.08 -27.03 -19.12
N PRO B 270 -1.29 -27.29 -18.55
CA PRO B 270 -1.48 -27.22 -17.09
C PRO B 270 -0.59 -28.18 -16.31
N ASP B 271 -0.28 -29.34 -16.88
CA ASP B 271 0.60 -30.37 -16.27
C ASP B 271 1.99 -29.76 -16.09
N ARG B 272 2.49 -29.06 -17.10
CA ARG B 272 3.85 -28.43 -17.11
C ARG B 272 3.90 -27.30 -16.09
N ALA B 273 2.90 -26.41 -16.06
CA ALA B 273 2.83 -25.34 -15.05
C ALA B 273 2.90 -25.97 -13.65
N ALA B 274 2.17 -27.07 -13.46
CA ALA B 274 1.98 -27.75 -12.15
C ALA B 274 3.31 -28.26 -11.61
N VAL B 275 4.14 -28.89 -12.45
CA VAL B 275 5.40 -29.51 -11.94
C VAL B 275 6.33 -28.40 -11.42
N HIS B 276 6.40 -27.25 -12.07
CA HIS B 276 7.25 -26.11 -11.62
C HIS B 276 6.71 -25.61 -10.29
N ILE B 277 5.39 -25.55 -10.12
CA ILE B 277 4.77 -25.07 -8.85
C ILE B 277 5.08 -26.08 -7.74
N ARG B 278 4.82 -27.37 -7.97
CA ARG B 278 5.11 -28.48 -7.02
C ARG B 278 6.57 -28.42 -6.60
N GLU B 279 7.48 -28.22 -7.55
CA GLU B 279 8.94 -28.15 -7.28
C GLU B 279 9.25 -27.04 -6.28
N PHE B 280 8.68 -25.85 -6.50
CA PHE B 280 8.88 -24.66 -5.62
C PHE B 280 8.20 -24.88 -4.27
N ALA B 281 6.97 -25.38 -4.27
CA ALA B 281 6.22 -25.78 -3.05
C ALA B 281 7.04 -26.78 -2.22
N THR B 282 7.66 -27.76 -2.89
CA THR B 282 8.52 -28.80 -2.25
C THR B 282 9.76 -28.15 -1.64
N ALA B 283 10.45 -27.30 -2.40
CA ALA B 283 11.62 -26.50 -1.96
C ALA B 283 11.27 -25.73 -0.67
N ILE B 284 10.08 -25.13 -0.60
CA ILE B 284 9.63 -24.32 0.57
C ILE B 284 9.43 -25.25 1.78
N ARG B 285 8.82 -26.42 1.59
CA ARG B 285 8.62 -27.44 2.66
C ARG B 285 9.99 -27.92 3.19
N GLN B 286 10.97 -28.10 2.31
CA GLN B 286 12.37 -28.49 2.67
CA GLN B 286 12.36 -28.49 2.66
C GLN B 286 13.12 -27.25 3.16
N GLY B 287 12.67 -26.66 4.26
CA GLY B 287 13.28 -25.45 4.88
C GLY B 287 12.92 -24.20 4.11
#